data_2CNS
#
_entry.id   2CNS
#
_cell.length_a   133.663
_cell.length_b   133.663
_cell.length_c   192.156
_cell.angle_alpha   90.00
_cell.angle_beta   90.00
_cell.angle_gamma   120.00
#
_symmetry.space_group_name_H-M   'H 3 2'
#
loop_
_entity.id
_entity.type
_entity.pdbx_description
1 polymer 'MODIFICATION OF 30S RIBOSOMAL SUBUNIT PROTEIN S18'
2 non-polymer 'PHOSPHATE ION'
3 non-polymer 'ACETYL COENZYME *A'
4 water water
#
_entity_poly.entity_id   1
_entity_poly.type   'polypeptide(L)'
_entity_poly.pdbx_seq_one_letter_code
;MNTISILSTTDLPAAWQIEQRAHAFPWSEKTFFGNQGERYLNLKLTADDRMAAFAITQVVLDEATLFNIAVDPDFQRRGL
GRMLLEHLIDELETRGVVTLWLEVRASNAAAIALYESLGFNEATIRRNYYPTAQGHEDAIIMALPISMKLHHHHHHHHHH
;
_entity_poly.pdbx_strand_id   A,B,C
#
# COMPACT_ATOMS: atom_id res chain seq x y z
N MET A 1 -30.48 -4.85 9.16
CA MET A 1 -29.22 -5.05 8.38
C MET A 1 -27.96 -4.72 9.19
N ASN A 2 -26.84 -5.33 8.77
CA ASN A 2 -25.57 -5.11 9.45
C ASN A 2 -24.60 -4.33 8.58
N THR A 3 -24.32 -3.08 8.96
CA THR A 3 -23.45 -2.20 8.17
C THR A 3 -22.17 -1.88 8.89
N ILE A 4 -21.08 -2.21 8.21
CA ILE A 4 -19.75 -2.00 8.71
C ILE A 4 -19.24 -0.75 8.06
N SER A 5 -18.69 0.14 8.88
CA SER A 5 -18.21 1.40 8.37
C SER A 5 -17.08 1.94 9.22
N ILE A 6 -16.47 3.03 8.74
CA ILE A 6 -15.44 3.73 9.49
C ILE A 6 -16.04 4.33 10.78
N LEU A 7 -15.33 4.14 11.88
CA LEU A 7 -15.67 4.71 13.19
C LEU A 7 -15.06 6.09 13.28
N SER A 8 -15.91 7.10 13.39
CA SER A 8 -15.50 8.49 13.29
C SER A 8 -15.87 9.24 14.57
N THR A 9 -15.27 10.41 14.77
CA THR A 9 -15.53 11.27 15.95
C THR A 9 -16.96 11.15 16.53
N THR A 10 -17.95 11.37 15.68
CA THR A 10 -19.35 11.31 16.10
C THR A 10 -19.75 9.96 16.75
N ASP A 11 -19.08 8.87 16.34
CA ASP A 11 -19.39 7.52 16.81
C ASP A 11 -18.78 7.18 18.17
N LEU A 12 -17.86 8.02 18.63
CA LEU A 12 -17.05 7.65 19.78
C LEU A 12 -17.80 7.53 21.12
N PRO A 13 -18.66 8.51 21.48
CA PRO A 13 -19.45 8.26 22.70
C PRO A 13 -20.12 6.86 22.75
N ALA A 14 -20.83 6.45 21.70
CA ALA A 14 -21.52 5.16 21.75
C ALA A 14 -20.55 3.97 21.88
N ALA A 15 -19.45 4.04 21.13
CA ALA A 15 -18.34 3.09 21.29
C ALA A 15 -17.79 3.02 22.71
N TRP A 16 -17.70 4.16 23.40
CA TRP A 16 -17.12 4.15 24.75
C TRP A 16 -18.07 3.39 25.71
N GLN A 17 -19.38 3.54 25.46
CA GLN A 17 -20.43 2.79 26.17
C GLN A 17 -20.25 1.31 25.96
N ILE A 18 -19.96 0.90 24.73
CA ILE A 18 -19.71 -0.51 24.46
C ILE A 18 -18.43 -0.97 25.17
N GLU A 19 -17.41 -0.14 25.13
CA GLU A 19 -16.14 -0.48 25.76
C GLU A 19 -16.38 -0.82 27.22
N GLN A 20 -17.23 -0.03 27.85
CA GLN A 20 -17.39 -0.09 29.28
C GLN A 20 -18.26 -1.25 29.74
N ARG A 21 -19.21 -1.68 28.89
CA ARG A 21 -20.08 -2.82 29.20
C ARG A 21 -19.51 -4.17 28.74
N ALA A 22 -18.68 -4.17 27.71
CA ALA A 22 -18.21 -5.40 27.13
C ALA A 22 -16.91 -5.90 27.77
N HIS A 23 -15.96 -4.99 28.00
CA HIS A 23 -14.62 -5.30 28.56
C HIS A 23 -14.60 -5.50 30.07
N ALA A 24 -14.14 -6.69 30.46
CA ALA A 24 -14.04 -7.07 31.87
C ALA A 24 -12.98 -6.23 32.56
N PHE A 25 -12.01 -5.72 31.80
CA PHE A 25 -11.02 -4.76 32.33
C PHE A 25 -10.89 -3.62 31.35
N PRO A 26 -11.85 -2.67 31.39
CA PRO A 26 -11.99 -1.63 30.36
C PRO A 26 -10.76 -0.74 30.29
N TRP A 27 -10.43 -0.22 29.11
CA TRP A 27 -9.50 0.91 29.03
C TRP A 27 -10.04 2.07 29.87
N SER A 28 -9.15 2.98 30.24
CA SER A 28 -9.55 4.31 30.70
C SER A 28 -10.07 5.08 29.49
N GLU A 29 -10.83 6.13 29.76
CA GLU A 29 -11.36 7.07 28.79
C GLU A 29 -10.27 7.79 27.98
N LYS A 30 -9.20 8.22 28.62
CA LYS A 30 -8.14 8.97 27.94
C LYS A 30 -7.48 8.07 26.87
N THR A 31 -7.19 6.84 27.25
CA THR A 31 -6.66 5.85 26.31
C THR A 31 -7.66 5.62 25.17
N PHE A 32 -8.94 5.58 25.50
CA PHE A 32 -9.91 5.26 24.49
C PHE A 32 -9.99 6.36 23.44
N PHE A 33 -10.10 7.59 23.90
CA PHE A 33 -10.16 8.70 22.96
C PHE A 33 -8.83 9.01 22.28
N GLY A 34 -7.73 8.42 22.77
CA GLY A 34 -6.40 8.59 22.19
C GLY A 34 -6.06 7.64 21.05
N ASN A 35 -6.79 6.53 20.94
CA ASN A 35 -6.56 5.57 19.86
C ASN A 35 -7.41 5.82 18.60
N GLN A 36 -7.21 7.00 18.01
CA GLN A 36 -7.92 7.48 16.82
C GLN A 36 -6.95 8.31 15.98
N GLY A 37 -7.31 8.50 14.71
CA GLY A 37 -6.60 9.44 13.83
C GLY A 37 -5.50 8.73 13.07
N GLU A 38 -4.34 9.40 12.99
CA GLU A 38 -3.18 9.00 12.21
C GLU A 38 -2.79 7.51 12.23
N ARG A 39 -2.97 6.83 11.10
CA ARG A 39 -2.65 5.40 11.00
C ARG A 39 -3.66 4.48 11.68
N TYR A 40 -4.74 5.03 12.20
CA TYR A 40 -5.79 4.15 12.69
C TYR A 40 -6.80 3.82 11.62
N LEU A 41 -7.05 2.52 11.51
CA LEU A 41 -8.18 2.04 10.71
C LEU A 41 -9.27 1.52 11.65
N ASN A 42 -10.14 2.42 12.12
CA ASN A 42 -11.14 2.05 13.12
C ASN A 42 -12.55 1.84 12.54
N LEU A 43 -13.15 0.69 12.87
CA LEU A 43 -14.42 0.29 12.31
C LEU A 43 -15.55 0.19 13.35
N LYS A 44 -16.79 0.47 12.93
CA LYS A 44 -17.97 0.06 13.71
C LYS A 44 -18.88 -0.86 12.91
N LEU A 45 -19.74 -1.60 13.64
CA LEU A 45 -20.76 -2.43 13.01
C LEU A 45 -22.09 -1.95 13.56
N THR A 46 -23.00 -1.61 12.64
CA THR A 46 -24.27 -1.02 12.99
C THR A 46 -25.36 -2.06 12.71
N ALA A 47 -26.04 -2.49 13.75
CA ALA A 47 -27.14 -3.43 13.58
C ALA A 47 -28.42 -2.62 13.65
N ASP A 48 -29.06 -2.46 12.50
CA ASP A 48 -30.34 -1.78 12.42
C ASP A 48 -30.37 -0.51 13.26
N ASP A 49 -29.59 0.48 12.84
CA ASP A 49 -29.66 1.81 13.47
C ASP A 49 -29.15 1.85 14.92
N ARG A 50 -28.37 0.84 15.32
CA ARG A 50 -27.71 0.85 16.61
C ARG A 50 -26.32 0.31 16.45
N MET A 51 -25.34 0.96 17.05
CA MET A 51 -23.99 0.42 17.06
C MET A 51 -23.94 -0.87 17.88
N ALA A 52 -23.47 -1.94 17.25
CA ALA A 52 -23.42 -3.25 17.87
C ALA A 52 -22.01 -3.63 18.30
N ALA A 53 -21.01 -3.02 17.66
CA ALA A 53 -19.61 -3.43 17.81
C ALA A 53 -18.64 -2.41 17.22
N PHE A 54 -17.42 -2.40 17.73
CA PHE A 54 -16.34 -1.57 17.17
C PHE A 54 -15.01 -2.32 17.20
N ALA A 55 -14.03 -1.84 16.43
CA ALA A 55 -12.70 -2.41 16.40
C ALA A 55 -11.65 -1.32 16.11
N ILE A 56 -10.62 -1.30 16.96
CA ILE A 56 -9.56 -0.31 16.92
C ILE A 56 -8.31 -1.03 16.39
N THR A 57 -7.77 -0.54 15.27
CA THR A 57 -6.60 -1.14 14.62
C THR A 57 -5.61 -0.07 14.12
N GLN A 58 -4.31 -0.34 14.27
CA GLN A 58 -3.30 0.56 13.72
C GLN A 58 -2.42 -0.10 12.65
N VAL A 59 -2.17 0.62 11.56
CA VAL A 59 -1.38 0.06 10.45
C VAL A 59 -0.01 0.71 10.37
N VAL A 60 1.04 -0.10 10.50
CA VAL A 60 2.39 0.39 10.34
C VAL A 60 3.04 -0.52 9.34
N LEU A 61 3.59 0.08 8.28
CA LEU A 61 4.23 -0.62 7.19
C LEU A 61 3.23 -1.64 6.68
N ASP A 62 3.59 -2.93 6.63
CA ASP A 62 2.70 -3.96 6.09
C ASP A 62 2.19 -4.89 7.19
N GLU A 63 2.15 -4.35 8.41
CA GLU A 63 1.59 -5.07 9.52
C GLU A 63 0.60 -4.18 10.23
N ALA A 64 -0.18 -4.79 11.10
CA ALA A 64 -1.18 -4.05 11.87
C ALA A 64 -1.41 -4.73 13.22
N THR A 65 -1.95 -3.94 14.14
CA THR A 65 -2.34 -4.42 15.44
C THR A 65 -3.81 -4.09 15.72
N LEU A 66 -4.58 -5.14 16.03
CA LEU A 66 -5.94 -5.00 16.55
C LEU A 66 -5.79 -4.70 18.03
N PHE A 67 -5.97 -3.44 18.42
CA PHE A 67 -5.80 -3.07 19.84
C PHE A 67 -7.02 -3.40 20.65
N ASN A 68 -8.17 -3.52 19.98
CA ASN A 68 -9.44 -3.62 20.63
C ASN A 68 -10.55 -4.05 19.66
N ILE A 69 -11.31 -5.07 20.04
CA ILE A 69 -12.62 -5.34 19.44
C ILE A 69 -13.62 -5.61 20.58
N ALA A 70 -14.84 -5.13 20.40
CA ALA A 70 -15.87 -5.26 21.41
C ALA A 70 -17.24 -5.31 20.75
N VAL A 71 -18.04 -6.27 21.17
CA VAL A 71 -19.44 -6.34 20.79
C VAL A 71 -20.27 -6.06 22.05
N ASP A 72 -21.22 -5.15 21.95
CA ASP A 72 -22.07 -4.87 23.09
C ASP A 72 -22.75 -6.15 23.56
N PRO A 73 -22.88 -6.35 24.88
CA PRO A 73 -23.55 -7.53 25.46
C PRO A 73 -24.93 -7.87 24.88
N ASP A 74 -25.77 -6.88 24.56
CA ASP A 74 -27.02 -7.16 23.85
C ASP A 74 -26.84 -7.88 22.52
N PHE A 75 -25.70 -7.68 21.85
CA PHE A 75 -25.49 -8.22 20.51
C PHE A 75 -24.51 -9.39 20.41
N GLN A 76 -24.04 -9.89 21.53
CA GLN A 76 -23.01 -10.93 21.51
C GLN A 76 -23.55 -12.29 21.15
N ARG A 77 -22.65 -13.21 20.83
CA ARG A 77 -23.00 -14.60 20.41
C ARG A 77 -23.99 -14.64 19.24
N ARG A 78 -24.02 -13.58 18.43
CA ARG A 78 -24.92 -13.47 17.27
C ARG A 78 -24.14 -13.47 15.95
N GLY A 79 -22.80 -13.56 16.04
CA GLY A 79 -21.93 -13.67 14.87
C GLY A 79 -21.35 -12.34 14.36
N LEU A 80 -21.62 -11.28 15.11
CA LEU A 80 -21.23 -9.96 14.65
C LEU A 80 -19.75 -9.66 14.88
N GLY A 81 -19.17 -10.25 15.91
CA GLY A 81 -17.73 -10.04 16.16
C GLY A 81 -16.94 -10.58 15.00
N ARG A 82 -17.27 -11.80 14.61
CA ARG A 82 -16.64 -12.44 13.47
C ARG A 82 -16.82 -11.63 12.20
N MET A 83 -18.03 -11.15 11.93
CA MET A 83 -18.29 -10.41 10.69
C MET A 83 -17.49 -9.10 10.62
N LEU A 84 -17.43 -8.39 11.74
CA LEU A 84 -16.64 -7.18 11.86
C LEU A 84 -15.15 -7.47 11.58
N LEU A 85 -14.61 -8.49 12.25
CA LEU A 85 -13.20 -8.91 12.04
C LEU A 85 -12.92 -9.31 10.62
N GLU A 86 -13.81 -10.14 10.04
CA GLU A 86 -13.71 -10.53 8.64
C GLU A 86 -13.65 -9.34 7.70
N HIS A 87 -14.48 -8.33 7.94
CA HIS A 87 -14.46 -7.14 7.09
C HIS A 87 -13.17 -6.38 7.29
N LEU A 88 -12.64 -6.35 8.50
CA LEU A 88 -11.37 -5.69 8.76
C LEU A 88 -10.23 -6.40 8.03
N ILE A 89 -10.24 -7.73 8.10
CA ILE A 89 -9.20 -8.54 7.49
C ILE A 89 -9.15 -8.31 5.99
N ASP A 90 -10.31 -8.34 5.34
CA ASP A 90 -10.45 -7.93 3.94
C ASP A 90 -9.84 -6.57 3.62
N GLU A 91 -10.13 -5.59 4.48
CA GLU A 91 -9.70 -4.24 4.22
C GLU A 91 -8.17 -4.19 4.37
N LEU A 92 -7.64 -4.90 5.34
CA LEU A 92 -6.20 -4.92 5.57
C LEU A 92 -5.48 -5.50 4.36
N GLU A 93 -6.10 -6.51 3.75
CA GLU A 93 -5.47 -7.19 2.64
C GLU A 93 -5.38 -6.21 1.48
N THR A 94 -6.46 -5.51 1.17
CA THR A 94 -6.39 -4.51 0.13
C THR A 94 -5.37 -3.39 0.46
N ARG A 95 -4.99 -3.24 1.72
CA ARG A 95 -3.98 -2.24 2.04
C ARG A 95 -2.54 -2.81 2.03
N GLY A 96 -2.38 -4.11 1.82
CA GLY A 96 -1.06 -4.69 1.61
C GLY A 96 -0.55 -5.27 2.91
N VAL A 97 -1.45 -5.48 3.85
CA VAL A 97 -1.06 -5.85 5.20
C VAL A 97 -0.96 -7.36 5.29
N VAL A 98 0.20 -7.88 5.70
CA VAL A 98 0.41 -9.33 5.66
C VAL A 98 0.21 -10.03 7.00
N THR A 99 0.17 -9.26 8.09
CA THR A 99 0.05 -9.86 9.42
C THR A 99 -0.72 -8.94 10.34
N LEU A 100 -1.78 -9.49 10.94
CA LEU A 100 -2.54 -8.84 12.00
C LEU A 100 -2.12 -9.43 13.36
N TRP A 101 -1.69 -8.56 14.27
CA TRP A 101 -1.27 -8.94 15.61
C TRP A 101 -2.29 -8.49 16.64
N LEU A 102 -2.27 -9.15 17.80
CA LEU A 102 -3.11 -8.75 18.92
C LEU A 102 -2.56 -9.39 20.19
N GLU A 103 -2.92 -8.86 21.34
CA GLU A 103 -2.76 -9.61 22.57
C GLU A 103 -4.08 -9.80 23.30
N VAL A 104 -4.21 -10.90 24.03
CA VAL A 104 -5.45 -11.21 24.71
C VAL A 104 -5.14 -11.87 26.06
N ARG A 105 -6.02 -11.64 27.03
CA ARG A 105 -5.96 -12.33 28.32
C ARG A 105 -6.07 -13.84 28.14
N ALA A 106 -5.22 -14.62 28.79
CA ALA A 106 -5.29 -16.09 28.63
C ALA A 106 -6.64 -16.67 29.02
N SER A 107 -7.42 -15.95 29.80
CA SER A 107 -8.71 -16.46 30.27
C SER A 107 -9.89 -15.94 29.44
N ASN A 108 -9.65 -14.99 28.54
CA ASN A 108 -10.69 -14.57 27.66
C ASN A 108 -10.97 -15.67 26.65
N ALA A 109 -11.63 -16.71 27.15
CA ALA A 109 -12.10 -17.87 26.37
C ALA A 109 -12.78 -17.48 25.06
N ALA A 110 -13.69 -16.52 25.13
CA ALA A 110 -14.51 -16.16 23.97
C ALA A 110 -13.68 -15.48 22.89
N ALA A 111 -12.82 -14.56 23.29
CA ALA A 111 -11.99 -13.86 22.32
C ALA A 111 -11.06 -14.84 21.64
N ILE A 112 -10.42 -15.68 22.42
CA ILE A 112 -9.43 -16.62 21.89
C ILE A 112 -10.09 -17.53 20.87
N ALA A 113 -11.33 -17.94 21.15
CA ALA A 113 -12.02 -18.84 20.24
C ALA A 113 -12.35 -18.17 18.91
N LEU A 114 -12.78 -16.90 18.97
CA LEU A 114 -12.99 -16.14 17.75
C LEU A 114 -11.67 -16.08 16.95
N TYR A 115 -10.59 -15.70 17.62
CA TYR A 115 -9.32 -15.53 16.95
C TYR A 115 -8.84 -16.83 16.34
N GLU A 116 -8.85 -17.88 17.14
CA GLU A 116 -8.40 -19.18 16.65
C GLU A 116 -9.24 -19.53 15.44
N SER A 117 -10.56 -19.27 15.52
CA SER A 117 -11.44 -19.68 14.43
C SER A 117 -11.16 -18.91 13.13
N LEU A 118 -10.58 -17.71 13.25
CA LEU A 118 -10.21 -16.92 12.08
C LEU A 118 -8.81 -17.23 11.56
N GLY A 119 -8.06 -18.06 12.29
CA GLY A 119 -6.72 -18.46 11.85
C GLY A 119 -5.59 -17.78 12.59
N PHE A 120 -5.89 -17.14 13.73
CA PHE A 120 -4.80 -16.60 14.53
C PHE A 120 -3.98 -17.70 15.15
N ASN A 121 -2.67 -17.51 15.15
CA ASN A 121 -1.74 -18.42 15.82
C ASN A 121 -1.12 -17.81 17.03
N GLU A 122 -1.06 -18.56 18.11
CA GLU A 122 -0.32 -18.10 19.25
C GLU A 122 1.13 -17.86 18.81
N ALA A 123 1.69 -16.69 19.15
CA ALA A 123 3.08 -16.44 18.86
C ALA A 123 3.92 -16.51 20.11
N THR A 124 3.50 -15.80 21.15
CA THR A 124 4.37 -15.63 22.27
C THR A 124 3.52 -15.33 23.49
N ILE A 125 4.04 -15.62 24.67
CA ILE A 125 3.29 -15.43 25.89
C ILE A 125 4.03 -14.45 26.73
N ARG A 126 3.32 -13.44 27.20
CA ARG A 126 3.88 -12.58 28.20
C ARG A 126 3.31 -12.92 29.59
N ARG A 127 4.12 -13.60 30.42
CA ARG A 127 3.62 -14.05 31.71
C ARG A 127 3.29 -12.94 32.67
N ASN A 128 2.10 -13.07 33.28
CA ASN A 128 1.58 -12.12 34.27
C ASN A 128 1.63 -10.65 33.84
N TYR A 129 1.33 -10.43 32.58
CA TYR A 129 1.38 -9.11 32.00
C TYR A 129 0.13 -8.30 32.35
N TYR A 130 -1.00 -8.99 32.52
CA TYR A 130 -2.31 -8.37 32.82
C TYR A 130 -2.71 -8.44 34.29
N PRO A 131 -3.17 -7.30 34.84
CA PRO A 131 -3.66 -7.26 36.23
C PRO A 131 -5.07 -7.85 36.33
N THR A 132 -5.37 -8.58 37.40
CA THR A 132 -6.75 -9.04 37.60
C THR A 132 -7.33 -8.41 38.87
N ALA A 133 -8.41 -9.01 39.40
CA ALA A 133 -8.95 -8.62 40.70
C ALA A 133 -7.98 -8.96 41.82
N GLN A 134 -7.49 -10.20 41.82
CA GLN A 134 -6.64 -10.72 42.91
C GLN A 134 -5.12 -10.84 42.60
N GLY A 135 -4.77 -11.21 41.38
CA GLY A 135 -3.37 -11.34 41.02
C GLY A 135 -3.09 -10.88 39.62
N HIS A 136 -2.49 -11.77 38.82
CA HIS A 136 -2.16 -11.48 37.42
C HIS A 136 -2.50 -12.66 36.52
N GLU A 137 -2.50 -12.35 35.22
CA GLU A 137 -2.92 -13.25 34.16
C GLU A 137 -1.93 -13.09 33.02
N ASP A 138 -1.66 -14.16 32.29
CA ASP A 138 -0.83 -14.06 31.09
C ASP A 138 -1.55 -13.37 29.94
N ALA A 139 -0.73 -12.72 29.11
CA ALA A 139 -1.14 -12.18 27.83
C ALA A 139 -0.68 -13.12 26.72
N ILE A 140 -1.62 -13.50 25.86
CA ILE A 140 -1.27 -14.29 24.69
C ILE A 140 -1.15 -13.36 23.50
N ILE A 141 0.03 -13.32 22.89
CA ILE A 141 0.24 -12.56 21.67
C ILE A 141 -0.04 -13.49 20.48
N MET A 142 -0.97 -13.10 19.62
CA MET A 142 -1.37 -13.94 18.50
C MET A 142 -1.14 -13.19 17.21
N ALA A 143 -0.80 -13.92 16.13
CA ALA A 143 -0.61 -13.34 14.79
C ALA A 143 -1.49 -14.05 13.78
N LEU A 144 -2.14 -13.29 12.93
CA LEU A 144 -2.86 -13.84 11.80
C LEU A 144 -2.14 -13.49 10.49
N PRO A 145 -1.62 -14.50 9.78
CA PRO A 145 -1.11 -14.25 8.42
C PRO A 145 -2.27 -13.98 7.48
N ILE A 146 -2.13 -12.94 6.66
CA ILE A 146 -3.17 -12.57 5.72
C ILE A 146 -2.57 -12.71 4.34
N SER A 147 -3.00 -13.71 3.59
CA SER A 147 -2.30 -13.93 2.34
C SER A 147 -2.82 -13.03 1.25
N MET A 148 -1.94 -12.69 0.32
CA MET A 148 -2.22 -11.69 -0.70
C MET A 148 -3.21 -12.21 -1.75
N LYS A 149 -4.16 -11.37 -2.16
CA LYS A 149 -5.09 -11.65 -3.28
C LYS A 149 -4.78 -10.78 -4.51
N LEU A 150 -5.35 -11.15 -5.65
CA LEU A 150 -5.40 -10.29 -6.82
C LEU A 150 -6.41 -9.16 -6.63
N HIS A 151 -6.18 -8.03 -7.28
CA HIS A 151 -7.08 -6.87 -7.12
C HIS A 151 -7.72 -6.42 -8.45
N MET B 1 -8.76 -20.16 -23.23
CA MET B 1 -9.00 -19.24 -22.11
C MET B 1 -7.73 -19.28 -21.24
N ASN B 2 -7.01 -18.16 -21.17
CA ASN B 2 -5.85 -18.02 -20.31
C ASN B 2 -6.23 -17.23 -19.08
N THR B 3 -5.97 -17.80 -17.90
CA THR B 3 -6.49 -17.22 -16.67
C THR B 3 -5.41 -17.11 -15.64
N ILE B 4 -5.23 -15.90 -15.13
CA ILE B 4 -4.22 -15.63 -14.14
C ILE B 4 -4.90 -15.52 -12.77
N SER B 5 -4.37 -16.25 -11.78
CA SER B 5 -4.96 -16.27 -10.45
C SER B 5 -3.84 -16.48 -9.44
N ILE B 6 -4.16 -16.36 -8.15
CA ILE B 6 -3.21 -16.57 -7.05
C ILE B 6 -2.78 -18.04 -7.05
N LEU B 7 -1.48 -18.29 -6.88
CA LEU B 7 -0.94 -19.63 -6.66
C LEU B 7 -1.22 -20.01 -5.20
N SER B 8 -2.16 -20.90 -4.99
CA SER B 8 -2.51 -21.30 -3.62
C SER B 8 -1.75 -22.58 -3.23
N THR B 9 -1.93 -23.01 -1.98
CA THR B 9 -1.26 -24.20 -1.43
C THR B 9 -1.54 -25.48 -2.22
N THR B 10 -2.82 -25.69 -2.53
CA THR B 10 -3.33 -26.72 -3.43
C THR B 10 -2.66 -26.75 -4.81
N ASP B 11 -2.19 -25.60 -5.29
CA ASP B 11 -1.62 -25.49 -6.63
C ASP B 11 -0.18 -25.95 -6.62
N LEU B 12 0.39 -26.07 -5.43
CA LEU B 12 1.83 -26.31 -5.29
C LEU B 12 2.36 -27.61 -5.93
N PRO B 13 1.69 -28.74 -5.73
CA PRO B 13 2.21 -29.93 -6.42
C PRO B 13 2.35 -29.77 -7.93
N ALA B 14 1.35 -29.19 -8.60
CA ALA B 14 1.41 -29.04 -10.07
C ALA B 14 2.48 -28.05 -10.48
N ALA B 15 2.65 -27.01 -9.66
CA ALA B 15 3.65 -25.99 -9.94
C ALA B 15 5.04 -26.55 -9.74
N TRP B 16 5.17 -27.44 -8.77
CA TRP B 16 6.44 -28.10 -8.51
C TRP B 16 6.86 -28.98 -9.70
N GLN B 17 5.89 -29.66 -10.31
CA GLN B 17 6.15 -30.42 -11.54
C GLN B 17 6.68 -29.50 -12.63
N ILE B 18 6.09 -28.32 -12.76
CA ILE B 18 6.53 -27.37 -13.76
C ILE B 18 7.95 -26.94 -13.51
N GLU B 19 8.25 -26.65 -12.24
CA GLU B 19 9.59 -26.24 -11.79
C GLU B 19 10.68 -27.17 -12.26
N GLN B 20 10.44 -28.48 -12.14
CA GLN B 20 11.43 -29.47 -12.44
C GLN B 20 11.54 -29.71 -13.91
N ARG B 21 10.41 -29.67 -14.61
CA ARG B 21 10.44 -29.84 -16.07
C ARG B 21 11.07 -28.62 -16.78
N ALA B 22 10.97 -27.43 -16.17
CA ALA B 22 11.33 -26.17 -16.85
C ALA B 22 12.68 -25.54 -16.51
N HIS B 23 13.11 -25.60 -15.25
CA HIS B 23 14.42 -25.04 -14.86
C HIS B 23 15.55 -26.05 -15.04
N ALA B 24 16.66 -25.57 -15.57
CA ALA B 24 17.83 -26.41 -15.70
C ALA B 24 18.36 -26.83 -14.31
N PHE B 25 18.30 -25.89 -13.36
CA PHE B 25 18.70 -26.13 -11.98
C PHE B 25 17.51 -25.79 -11.08
N PRO B 26 16.60 -26.76 -10.90
CA PRO B 26 15.37 -26.48 -10.16
C PRO B 26 15.67 -26.27 -8.68
N TRP B 27 14.86 -25.47 -8.00
CA TRP B 27 14.90 -25.46 -6.52
C TRP B 27 14.55 -26.84 -5.98
N SER B 28 14.95 -27.14 -4.75
CA SER B 28 14.56 -28.38 -4.06
C SER B 28 13.11 -28.28 -3.64
N GLU B 29 12.52 -29.41 -3.24
CA GLU B 29 11.11 -29.43 -2.83
C GLU B 29 10.87 -28.55 -1.60
N LYS B 30 11.83 -28.58 -0.69
CA LYS B 30 11.79 -27.79 0.54
C LYS B 30 11.79 -26.27 0.24
N THR B 31 12.78 -25.79 -0.53
CA THR B 31 12.91 -24.38 -0.92
C THR B 31 11.63 -23.89 -1.64
N PHE B 32 11.18 -24.70 -2.61
CA PHE B 32 10.00 -24.37 -3.32
C PHE B 32 8.79 -24.20 -2.42
N PHE B 33 8.55 -25.14 -1.51
CA PHE B 33 7.42 -24.99 -0.61
C PHE B 33 7.63 -23.87 0.40
N GLY B 34 8.89 -23.54 0.66
CA GLY B 34 9.22 -22.49 1.60
C GLY B 34 8.99 -21.07 1.09
N ASN B 35 9.00 -20.91 -0.24
CA ASN B 35 8.79 -19.60 -0.87
C ASN B 35 7.31 -19.27 -1.14
N GLN B 36 6.51 -19.40 -0.08
CA GLN B 36 5.07 -19.10 -0.11
C GLN B 36 4.75 -18.38 1.18
N GLY B 37 3.53 -17.89 1.28
CA GLY B 37 3.10 -17.29 2.52
C GLY B 37 3.44 -15.82 2.55
N GLU B 38 3.82 -15.36 3.74
CA GLU B 38 3.86 -13.93 4.07
C GLU B 38 4.76 -13.06 3.17
N ARG B 39 4.15 -12.00 2.63
CA ARG B 39 4.79 -11.11 1.65
C ARG B 39 4.96 -11.73 0.25
N TYR B 40 4.59 -13.00 0.05
CA TYR B 40 4.60 -13.55 -1.33
C TYR B 40 3.35 -13.20 -2.09
N LEU B 41 3.53 -12.65 -3.28
CA LEU B 41 2.45 -12.52 -4.24
C LEU B 41 2.79 -13.50 -5.36
N ASN B 42 2.27 -14.72 -5.26
CA ASN B 42 2.59 -15.78 -6.20
C ASN B 42 1.40 -16.07 -7.13
N LEU B 43 1.67 -16.26 -8.41
CA LEU B 43 0.61 -16.37 -9.39
C LEU B 43 0.77 -17.61 -10.28
N LYS B 44 -0.34 -18.06 -10.84
CA LYS B 44 -0.29 -19.14 -11.82
C LYS B 44 -1.06 -18.66 -13.04
N LEU B 45 -0.76 -19.23 -14.20
CA LEU B 45 -1.60 -19.01 -15.35
C LEU B 45 -2.16 -20.36 -15.78
N THR B 46 -3.48 -20.39 -15.94
CA THR B 46 -4.19 -21.58 -16.35
C THR B 46 -4.65 -21.41 -17.79
N ALA B 47 -4.17 -22.29 -18.66
CA ALA B 47 -4.57 -22.27 -20.05
C ALA B 47 -5.49 -23.43 -20.30
N ASP B 48 -6.76 -23.08 -20.58
CA ASP B 48 -7.82 -24.06 -20.80
C ASP B 48 -7.76 -25.17 -19.73
N ASP B 49 -7.75 -24.73 -18.47
CA ASP B 49 -7.88 -25.57 -17.29
C ASP B 49 -6.65 -26.34 -16.83
N ARG B 50 -5.59 -26.38 -17.63
CA ARG B 50 -4.29 -26.87 -17.17
C ARG B 50 -3.37 -25.76 -16.69
N MET B 51 -2.65 -25.97 -15.59
CA MET B 51 -1.69 -24.98 -15.15
C MET B 51 -0.52 -24.89 -16.14
N ALA B 52 -0.26 -23.70 -16.66
CA ALA B 52 0.75 -23.55 -17.69
C ALA B 52 2.03 -22.97 -17.14
N ALA B 53 1.90 -22.15 -16.09
CA ALA B 53 2.98 -21.32 -15.61
C ALA B 53 2.72 -20.78 -14.22
N PHE B 54 3.78 -20.41 -13.51
CA PHE B 54 3.65 -19.77 -12.23
C PHE B 54 4.72 -18.70 -12.05
N ALA B 55 4.50 -17.78 -11.11
CA ALA B 55 5.47 -16.74 -10.83
C ALA B 55 5.54 -16.51 -9.34
N ILE B 56 6.76 -16.57 -8.78
CA ILE B 56 7.04 -16.34 -7.36
C ILE B 56 7.65 -14.98 -7.10
N THR B 57 6.96 -14.12 -6.34
CA THR B 57 7.41 -12.77 -6.10
C THR B 57 7.28 -12.41 -4.63
N GLN B 58 8.23 -11.65 -4.09
CA GLN B 58 8.14 -11.19 -2.71
C GLN B 58 8.10 -9.68 -2.68
N VAL B 59 7.17 -9.12 -1.91
CA VAL B 59 6.96 -7.68 -1.82
C VAL B 59 7.49 -7.20 -0.49
N VAL B 60 8.50 -6.32 -0.54
CA VAL B 60 8.99 -5.62 0.67
C VAL B 60 8.86 -4.11 0.46
N LEU B 61 8.19 -3.43 1.40
CA LEU B 61 7.95 -2.00 1.26
C LEU B 61 7.37 -1.68 -0.12
N ASP B 62 8.11 -0.94 -0.96
CA ASP B 62 7.55 -0.54 -2.25
C ASP B 62 8.39 -1.08 -3.40
N GLU B 63 9.08 -2.18 -3.14
CA GLU B 63 9.82 -2.86 -4.19
C GLU B 63 9.49 -4.32 -4.08
N ALA B 64 9.80 -5.07 -5.14
CA ALA B 64 9.54 -6.47 -5.16
C ALA B 64 10.63 -7.23 -5.93
N THR B 65 10.84 -8.49 -5.56
CA THR B 65 11.76 -9.38 -6.28
C THR B 65 11.00 -10.53 -6.92
N LEU B 66 11.15 -10.69 -8.22
CA LEU B 66 10.63 -11.89 -8.92
C LEU B 66 11.68 -12.97 -8.72
N PHE B 67 11.41 -13.93 -7.82
CA PHE B 67 12.36 -14.99 -7.58
C PHE B 67 12.38 -16.07 -8.66
N ASN B 68 11.25 -16.28 -9.31
CA ASN B 68 11.09 -17.43 -10.17
C ASN B 68 9.90 -17.21 -11.09
N ILE B 69 10.12 -17.34 -12.40
CA ILE B 69 9.02 -17.47 -13.34
C ILE B 69 9.32 -18.70 -14.18
N ALA B 70 8.28 -19.48 -14.47
CA ALA B 70 8.46 -20.71 -15.21
C ALA B 70 7.19 -21.09 -15.96
N VAL B 71 7.37 -21.39 -17.25
CA VAL B 71 6.28 -21.86 -18.08
C VAL B 71 6.69 -23.30 -18.37
N ASP B 72 5.75 -24.23 -18.27
CA ASP B 72 6.03 -25.60 -18.65
C ASP B 72 6.47 -25.71 -20.12
N PRO B 73 7.49 -26.55 -20.41
CA PRO B 73 7.95 -26.69 -21.80
C PRO B 73 6.80 -26.89 -22.81
N ASP B 74 5.75 -27.59 -22.42
CA ASP B 74 4.62 -27.87 -23.33
C ASP B 74 3.84 -26.60 -23.74
N PHE B 75 4.09 -25.48 -23.04
CA PHE B 75 3.36 -24.24 -23.28
C PHE B 75 4.28 -23.09 -23.63
N GLN B 76 5.58 -23.34 -23.70
CA GLN B 76 6.52 -22.23 -23.93
C GLN B 76 6.37 -21.57 -25.31
N ARG B 77 6.78 -20.31 -25.39
CA ARG B 77 6.79 -19.57 -26.66
C ARG B 77 5.39 -19.42 -27.26
N ARG B 78 4.37 -19.23 -26.41
CA ARG B 78 3.00 -18.99 -26.86
C ARG B 78 2.49 -17.66 -26.30
N GLY B 79 3.38 -16.91 -25.64
CA GLY B 79 3.06 -15.60 -25.07
C GLY B 79 2.68 -15.65 -23.59
N LEU B 80 2.68 -16.85 -23.01
CA LEU B 80 2.10 -17.06 -21.71
C LEU B 80 2.99 -16.46 -20.64
N GLY B 81 4.29 -16.67 -20.77
CA GLY B 81 5.25 -16.05 -19.86
C GLY B 81 5.14 -14.54 -19.87
N ARG B 82 5.05 -13.93 -21.06
CA ARG B 82 4.83 -12.49 -21.12
C ARG B 82 3.52 -12.09 -20.44
N MET B 83 2.45 -12.83 -20.73
CA MET B 83 1.13 -12.53 -20.18
C MET B 83 1.18 -12.55 -18.67
N LEU B 84 1.83 -13.56 -18.10
CA LEU B 84 1.81 -13.71 -16.66
C LEU B 84 2.53 -12.55 -15.97
N LEU B 85 3.65 -12.13 -16.53
CA LEU B 85 4.41 -10.99 -16.04
C LEU B 85 3.66 -9.64 -16.16
N GLU B 86 2.94 -9.44 -17.27
CA GLU B 86 2.11 -8.27 -17.44
C GLU B 86 1.08 -8.21 -16.32
N HIS B 87 0.44 -9.33 -16.03
CA HIS B 87 -0.56 -9.32 -14.98
C HIS B 87 0.09 -9.05 -13.63
N LEU B 88 1.28 -9.63 -13.41
CA LEU B 88 2.03 -9.40 -12.20
C LEU B 88 2.40 -7.92 -12.01
N ILE B 89 3.00 -7.33 -13.05
CA ILE B 89 3.41 -5.93 -13.05
C ILE B 89 2.22 -4.99 -12.79
N ASP B 90 1.07 -5.39 -13.31
CA ASP B 90 -0.13 -4.66 -13.18
C ASP B 90 -0.56 -4.68 -11.71
N GLU B 91 -0.54 -5.89 -11.14
CA GLU B 91 -0.78 -6.10 -9.73
C GLU B 91 0.12 -5.33 -8.77
N LEU B 92 1.42 -5.28 -9.06
CA LEU B 92 2.37 -4.59 -8.20
C LEU B 92 2.07 -3.09 -8.18
N GLU B 93 1.65 -2.58 -9.33
CA GLU B 93 1.33 -1.16 -9.42
C GLU B 93 0.19 -0.86 -8.44
N THR B 94 -0.82 -1.73 -8.40
CA THR B 94 -1.94 -1.45 -7.53
C THR B 94 -1.52 -1.48 -6.07
N ARG B 95 -0.38 -2.09 -5.74
CA ARG B 95 0.08 -2.25 -4.36
C ARG B 95 1.10 -1.19 -4.02
N GLY B 96 1.43 -0.40 -5.01
CA GLY B 96 2.24 0.78 -4.79
C GLY B 96 3.69 0.43 -4.89
N VAL B 97 4.01 -0.70 -5.54
CA VAL B 97 5.40 -1.13 -5.80
C VAL B 97 5.97 -0.39 -7.01
N VAL B 98 7.13 0.23 -6.83
CA VAL B 98 7.68 1.09 -7.91
C VAL B 98 8.81 0.45 -8.71
N THR B 99 9.37 -0.65 -8.20
CA THR B 99 10.53 -1.30 -8.78
C THR B 99 10.41 -2.80 -8.59
N LEU B 100 10.62 -3.52 -9.68
CA LEU B 100 10.56 -4.97 -9.66
C LEU B 100 11.96 -5.43 -10.09
N TRP B 101 12.54 -6.27 -9.22
CA TRP B 101 13.92 -6.75 -9.32
C TRP B 101 13.96 -8.23 -9.61
N LEU B 102 14.98 -8.67 -10.33
CA LEU B 102 15.23 -10.09 -10.50
C LEU B 102 16.73 -10.33 -10.71
N GLU B 103 17.17 -11.57 -10.51
CA GLU B 103 18.44 -11.97 -11.12
C GLU B 103 18.25 -13.17 -12.04
N VAL B 104 19.02 -13.19 -13.11
CA VAL B 104 18.92 -14.24 -14.13
C VAL B 104 20.30 -14.64 -14.65
N ARG B 105 20.47 -15.93 -14.95
CA ARG B 105 21.70 -16.42 -15.58
C ARG B 105 21.99 -15.67 -16.86
N ALA B 106 23.23 -15.22 -17.03
CA ALA B 106 23.67 -14.54 -18.27
C ALA B 106 23.42 -15.35 -19.57
N SER B 107 23.27 -16.67 -19.46
CA SER B 107 23.07 -17.53 -20.64
C SER B 107 21.59 -17.83 -20.90
N ASN B 108 20.72 -17.32 -20.05
CA ASN B 108 19.29 -17.45 -20.29
C ASN B 108 18.82 -16.37 -21.27
N ALA B 109 19.07 -16.57 -22.57
CA ALA B 109 18.78 -15.56 -23.60
C ALA B 109 17.28 -15.32 -23.74
N ALA B 110 16.50 -16.39 -23.59
CA ALA B 110 15.05 -16.30 -23.58
C ALA B 110 14.53 -15.36 -22.50
N ALA B 111 14.87 -15.65 -21.24
CA ALA B 111 14.39 -14.84 -20.11
C ALA B 111 14.83 -13.39 -20.24
N ILE B 112 16.10 -13.19 -20.57
CA ILE B 112 16.70 -11.85 -20.68
C ILE B 112 15.96 -11.00 -21.72
N ALA B 113 15.55 -11.61 -22.83
CA ALA B 113 14.87 -10.87 -23.88
C ALA B 113 13.44 -10.55 -23.44
N LEU B 114 12.84 -11.49 -22.71
CA LEU B 114 11.52 -11.27 -22.15
C LEU B 114 11.56 -10.05 -21.21
N TYR B 115 12.52 -10.06 -20.31
CA TYR B 115 12.68 -9.01 -19.34
C TYR B 115 12.95 -7.70 -20.03
N GLU B 116 13.87 -7.72 -20.98
CA GLU B 116 14.16 -6.55 -21.79
C GLU B 116 12.94 -5.99 -22.53
N SER B 117 12.07 -6.85 -23.02
CA SER B 117 10.94 -6.38 -23.83
C SER B 117 9.90 -5.66 -22.96
N LEU B 118 9.93 -5.95 -21.65
CA LEU B 118 9.03 -5.36 -20.66
C LEU B 118 9.53 -4.09 -19.98
N GLY B 119 10.75 -3.65 -20.32
CA GLY B 119 11.33 -2.44 -19.73
C GLY B 119 12.40 -2.67 -18.67
N PHE B 120 12.66 -3.94 -18.34
CA PHE B 120 13.74 -4.26 -17.40
C PHE B 120 15.12 -3.74 -17.90
N ASN B 121 15.83 -3.00 -17.05
CA ASN B 121 17.21 -2.61 -17.33
C ASN B 121 18.18 -3.44 -16.53
N GLU B 122 19.35 -3.69 -17.10
CA GLU B 122 20.47 -4.25 -16.36
C GLU B 122 20.92 -3.22 -15.34
N ALA B 123 20.94 -3.57 -14.07
CA ALA B 123 21.49 -2.67 -13.08
C ALA B 123 22.92 -3.05 -12.77
N THR B 124 23.18 -4.35 -12.61
CA THR B 124 24.43 -4.79 -12.02
C THR B 124 24.68 -6.28 -12.36
N ILE B 125 25.93 -6.73 -12.26
CA ILE B 125 26.30 -8.10 -12.60
C ILE B 125 27.16 -8.69 -11.50
N ARG B 126 26.95 -9.96 -11.17
CA ARG B 126 27.83 -10.71 -10.25
C ARG B 126 28.53 -11.71 -11.12
N ARG B 127 29.83 -11.52 -11.29
CA ARG B 127 30.59 -12.38 -12.14
C ARG B 127 30.78 -13.76 -11.51
N ASN B 128 30.44 -14.78 -12.28
CA ASN B 128 30.67 -16.16 -11.86
C ASN B 128 29.95 -16.58 -10.59
N TYR B 129 28.80 -15.95 -10.35
CA TYR B 129 27.90 -16.28 -9.25
C TYR B 129 27.31 -17.69 -9.33
N TYR B 130 26.80 -18.06 -10.50
CA TYR B 130 26.10 -19.32 -10.71
C TYR B 130 27.00 -20.50 -11.10
N PRO B 131 26.81 -21.66 -10.44
CA PRO B 131 27.44 -22.90 -10.91
C PRO B 131 26.89 -23.30 -12.29
N THR B 132 27.75 -23.97 -13.08
CA THR B 132 27.38 -24.64 -14.33
C THR B 132 28.11 -25.98 -14.33
N ALA B 133 27.89 -26.81 -15.35
CA ALA B 133 28.54 -28.13 -15.39
C ALA B 133 30.07 -28.02 -15.37
N GLN B 134 30.57 -26.94 -15.96
CA GLN B 134 32.01 -26.79 -16.20
C GLN B 134 32.64 -25.58 -15.51
N GLY B 135 31.94 -25.00 -14.56
CA GLY B 135 32.50 -23.92 -13.75
C GLY B 135 31.39 -23.02 -13.26
N HIS B 136 31.38 -21.78 -13.72
CA HIS B 136 30.40 -20.81 -13.26
C HIS B 136 29.94 -19.90 -14.39
N GLU B 137 28.95 -19.07 -14.11
CA GLU B 137 28.55 -18.00 -15.02
C GLU B 137 27.95 -16.81 -14.26
N ASP B 138 27.85 -15.68 -14.94
CA ASP B 138 27.40 -14.43 -14.36
C ASP B 138 25.91 -14.40 -14.03
N ALA B 139 25.54 -13.58 -13.05
CA ALA B 139 24.14 -13.33 -12.75
C ALA B 139 23.85 -11.89 -13.13
N ILE B 140 22.81 -11.66 -13.94
CA ILE B 140 22.46 -10.30 -14.28
C ILE B 140 21.31 -9.87 -13.38
N ILE B 141 21.54 -8.83 -12.58
CA ILE B 141 20.50 -8.26 -11.75
C ILE B 141 19.83 -7.16 -12.54
N MET B 142 18.51 -7.26 -12.72
CA MET B 142 17.76 -6.29 -13.54
C MET B 142 16.68 -5.62 -12.72
N ALA B 143 16.28 -4.42 -13.11
CA ALA B 143 15.24 -3.67 -12.40
C ALA B 143 14.26 -3.13 -13.44
N LEU B 144 12.97 -3.28 -13.11
CA LEU B 144 11.90 -2.66 -13.87
C LEU B 144 11.23 -1.56 -13.04
N PRO B 145 11.34 -0.29 -13.49
CA PRO B 145 10.57 0.82 -12.91
C PRO B 145 9.10 0.57 -13.23
N ILE B 146 8.21 0.74 -12.25
CA ILE B 146 6.80 0.60 -12.49
C ILE B 146 6.18 1.94 -12.16
N SER B 147 5.65 2.62 -13.18
CA SER B 147 5.18 3.97 -12.92
C SER B 147 3.74 3.98 -12.44
N MET B 148 3.48 4.90 -11.53
CA MET B 148 2.22 4.92 -10.81
C MET B 148 1.05 5.34 -11.69
N LYS B 149 -0.07 4.63 -11.57
CA LYS B 149 -1.31 4.94 -12.27
C LYS B 149 -2.30 5.66 -11.34
N LEU B 150 -3.28 6.32 -11.94
CA LEU B 150 -4.46 6.79 -11.21
C LEU B 150 -5.35 5.57 -10.94
N HIS B 151 -6.23 5.62 -9.94
CA HIS B 151 -7.06 4.43 -9.62
C HIS B 151 -8.55 4.75 -9.56
N MET C 1 -15.09 20.25 -20.33
CA MET C 1 -14.97 19.37 -19.15
C MET C 1 -13.54 19.35 -18.58
N ASN C 2 -13.41 18.85 -17.37
CA ASN C 2 -12.11 18.77 -16.71
C ASN C 2 -11.78 17.34 -16.43
N THR C 3 -10.56 16.94 -16.77
CA THR C 3 -10.18 15.57 -16.63
C THR C 3 -8.83 15.54 -15.93
N ILE C 4 -8.76 14.76 -14.85
CA ILE C 4 -7.53 14.63 -14.12
C ILE C 4 -6.85 13.31 -14.52
N SER C 5 -5.54 13.35 -14.73
CA SER C 5 -4.86 12.16 -15.26
C SER C 5 -3.40 12.13 -14.85
N ILE C 6 -2.76 10.97 -14.93
CA ILE C 6 -1.31 10.89 -14.68
C ILE C 6 -0.60 11.84 -15.63
N LEU C 7 0.34 12.61 -15.09
CA LEU C 7 1.24 13.45 -15.89
C LEU C 7 2.38 12.56 -16.47
N SER C 8 2.34 12.33 -17.79
CA SER C 8 3.33 11.45 -18.42
C SER C 8 4.45 12.24 -19.10
N THR C 9 5.41 11.52 -19.66
CA THR C 9 6.54 12.08 -20.37
C THR C 9 6.15 13.14 -21.40
N THR C 10 5.26 12.77 -22.31
CA THR C 10 4.81 13.68 -23.35
C THR C 10 4.06 14.89 -22.78
N ASP C 11 3.54 14.77 -21.56
CA ASP C 11 2.87 15.91 -20.92
C ASP C 11 3.85 16.99 -20.47
N LEU C 12 5.11 16.61 -20.28
CA LEU C 12 6.08 17.45 -19.60
C LEU C 12 6.36 18.79 -20.28
N PRO C 13 6.46 18.81 -21.63
CA PRO C 13 6.58 20.13 -22.27
C PRO C 13 5.46 21.12 -21.95
N ALA C 14 4.21 20.66 -21.93
CA ALA C 14 3.08 21.59 -21.67
C ALA C 14 3.06 22.11 -20.23
N ALA C 15 3.41 21.22 -19.29
CA ALA C 15 3.52 21.57 -17.86
C ALA C 15 4.64 22.57 -17.53
N TRP C 16 5.79 22.37 -18.17
CA TRP C 16 6.95 23.26 -18.05
C TRP C 16 6.60 24.69 -18.50
N GLN C 17 5.75 24.82 -19.52
CA GLN C 17 5.16 26.11 -19.87
C GLN C 17 4.43 26.69 -18.67
N ILE C 18 3.53 25.90 -18.08
CA ILE C 18 2.73 26.36 -16.95
C ILE C 18 3.61 26.82 -15.79
N GLU C 19 4.60 26.01 -15.45
CA GLU C 19 5.58 26.30 -14.41
C GLU C 19 6.15 27.70 -14.57
N GLN C 20 6.67 27.98 -15.75
CA GLN C 20 7.31 29.26 -16.00
C GLN C 20 6.31 30.41 -15.93
N ARG C 21 5.12 30.19 -16.45
CA ARG C 21 4.09 31.22 -16.46
C ARG C 21 3.46 31.43 -15.09
N ALA C 22 3.51 30.41 -14.22
CA ALA C 22 2.78 30.48 -12.95
C ALA C 22 3.61 30.78 -11.71
N HIS C 23 4.80 30.20 -11.61
CA HIS C 23 5.68 30.37 -10.44
C HIS C 23 6.56 31.63 -10.59
N ALA C 24 6.72 32.37 -9.51
CA ALA C 24 7.57 33.56 -9.51
C ALA C 24 9.06 33.23 -9.52
N PHE C 25 9.39 32.05 -8.99
CA PHE C 25 10.77 31.50 -8.99
C PHE C 25 10.69 30.11 -9.58
N PRO C 26 10.61 30.02 -10.92
CA PRO C 26 10.37 28.74 -11.55
C PRO C 26 11.49 27.77 -11.25
N TRP C 27 11.19 26.48 -11.22
CA TRP C 27 12.25 25.46 -11.20
C TRP C 27 13.10 25.61 -12.47
N SER C 28 14.36 25.22 -12.38
CA SER C 28 15.17 25.12 -13.58
C SER C 28 14.68 23.92 -14.37
N GLU C 29 14.89 23.96 -15.68
CA GLU C 29 14.61 22.84 -16.59
C GLU C 29 15.13 21.52 -16.03
N LYS C 30 16.41 21.51 -15.66
CA LYS C 30 17.04 20.35 -15.03
C LYS C 30 16.15 19.80 -13.90
N THR C 31 16.08 20.54 -12.79
CA THR C 31 15.17 20.26 -11.68
C THR C 31 13.79 19.80 -12.13
N PHE C 32 13.25 20.48 -13.15
CA PHE C 32 11.90 20.16 -13.54
C PHE C 32 11.73 18.80 -14.19
N PHE C 33 12.71 18.33 -14.95
CA PHE C 33 12.59 17.00 -15.58
C PHE C 33 13.08 15.89 -14.65
N GLY C 34 13.69 16.30 -13.53
CA GLY C 34 14.25 15.37 -12.54
C GLY C 34 13.29 15.04 -11.41
N ASN C 35 12.09 15.65 -11.44
CA ASN C 35 11.05 15.36 -10.46
C ASN C 35 9.96 14.53 -11.10
N GLN C 36 10.38 13.35 -11.50
CA GLN C 36 9.63 12.48 -12.37
C GLN C 36 10.06 11.03 -12.09
N GLY C 37 9.23 10.07 -12.44
CA GLY C 37 9.65 8.67 -12.39
C GLY C 37 9.30 8.01 -11.08
N GLU C 38 10.16 7.11 -10.62
CA GLU C 38 9.81 6.26 -9.48
C GLU C 38 9.53 6.99 -8.17
N ARG C 39 8.43 6.58 -7.56
CA ARG C 39 7.83 7.20 -6.36
C ARG C 39 7.08 8.54 -6.59
N TYR C 40 7.10 9.05 -7.81
CA TYR C 40 6.32 10.23 -8.13
C TYR C 40 4.95 9.86 -8.63
N LEU C 41 3.96 10.53 -8.03
CA LEU C 41 2.57 10.47 -8.48
C LEU C 41 2.22 11.84 -9.06
N ASN C 42 2.60 12.05 -10.30
CA ASN C 42 2.36 13.34 -10.92
C ASN C 42 1.04 13.38 -11.66
N LEU C 43 0.29 14.45 -11.46
CA LEU C 43 -1.01 14.57 -12.09
C LEU C 43 -1.15 15.82 -12.94
N LYS C 44 -2.02 15.74 -13.92
CA LYS C 44 -2.44 16.93 -14.64
C LYS C 44 -3.99 17.10 -14.59
N LEU C 45 -4.46 18.33 -14.82
CA LEU C 45 -5.86 18.56 -15.05
C LEU C 45 -5.98 19.26 -16.41
N THR C 46 -6.72 18.65 -17.34
CA THR C 46 -6.97 19.29 -18.63
C THR C 46 -8.39 19.84 -18.71
N ALA C 47 -8.49 21.10 -19.07
CA ALA C 47 -9.77 21.74 -19.36
C ALA C 47 -9.98 21.74 -20.87
N ASP C 48 -11.08 21.10 -21.30
CA ASP C 48 -11.38 20.81 -22.72
C ASP C 48 -10.16 20.88 -23.61
N ASP C 49 -9.42 19.77 -23.69
CA ASP C 49 -8.29 19.62 -24.62
C ASP C 49 -7.07 20.52 -24.32
N ARG C 50 -7.15 21.38 -23.29
CA ARG C 50 -5.99 22.19 -22.93
C ARG C 50 -5.58 21.96 -21.48
N MET C 51 -4.26 21.85 -21.24
CA MET C 51 -3.73 21.63 -19.89
C MET C 51 -3.87 22.89 -19.03
N ALA C 52 -4.60 22.78 -17.92
CA ALA C 52 -4.82 23.88 -17.01
C ALA C 52 -3.90 23.88 -15.79
N ALA C 53 -3.57 22.69 -15.28
CA ALA C 53 -2.80 22.56 -14.05
C ALA C 53 -2.10 21.21 -13.94
N PHE C 54 -1.07 21.14 -13.11
CA PHE C 54 -0.36 19.89 -12.83
C PHE C 54 0.07 19.89 -11.35
N ALA C 55 0.50 18.74 -10.84
CA ALA C 55 0.98 18.66 -9.47
C ALA C 55 2.00 17.54 -9.31
N ILE C 56 3.10 17.85 -8.66
CA ILE C 56 4.23 16.93 -8.48
C ILE C 56 4.30 16.43 -7.03
N THR C 57 4.07 15.13 -6.82
CA THR C 57 4.03 14.55 -5.48
C THR C 57 4.94 13.33 -5.40
N GLN C 58 5.67 13.20 -4.28
CA GLN C 58 6.45 12.02 -4.06
C GLN C 58 5.95 11.26 -2.83
N VAL C 59 5.81 9.94 -2.98
CA VAL C 59 5.32 8.98 -1.96
C VAL C 59 6.46 8.11 -1.37
N VAL C 60 6.74 8.28 -0.07
CA VAL C 60 7.67 7.42 0.63
C VAL C 60 6.93 6.79 1.81
N LEU C 61 7.02 5.46 1.93
CA LEU C 61 6.25 4.70 2.94
C LEU C 61 4.77 5.15 2.97
N ASP C 62 4.30 5.72 4.07
CA ASP C 62 2.87 6.09 4.19
C ASP C 62 2.65 7.60 4.29
N GLU C 63 3.63 8.34 3.78
CA GLU C 63 3.57 9.81 3.72
C GLU C 63 3.90 10.27 2.30
N ALA C 64 3.49 11.50 1.97
CA ALA C 64 3.80 12.05 0.66
C ALA C 64 4.15 13.53 0.78
N THR C 65 4.87 14.05 -0.20
CA THR C 65 5.19 15.46 -0.25
C THR C 65 4.75 16.03 -1.60
N LEU C 66 3.90 17.05 -1.53
CA LEU C 66 3.55 17.84 -2.68
C LEU C 66 4.69 18.82 -2.93
N PHE C 67 5.46 18.57 -3.97
CA PHE C 67 6.61 19.44 -4.25
C PHE C 67 6.23 20.69 -5.01
N ASN C 68 5.12 20.63 -5.74
CA ASN C 68 4.75 21.63 -6.72
C ASN C 68 3.30 21.44 -7.20
N ILE C 69 2.50 22.48 -7.07
CA ILE C 69 1.22 22.55 -7.74
C ILE C 69 1.17 23.89 -8.44
N ALA C 70 0.68 23.88 -9.67
CA ALA C 70 0.62 25.09 -10.45
C ALA C 70 -0.59 25.08 -11.34
N VAL C 71 -1.35 26.16 -11.30
CA VAL C 71 -2.43 26.40 -12.25
C VAL C 71 -2.01 27.54 -13.22
N ASP C 72 -2.23 27.33 -14.51
CA ASP C 72 -1.93 28.35 -15.54
C ASP C 72 -2.69 29.62 -15.22
N PRO C 73 -2.04 30.79 -15.37
CA PRO C 73 -2.73 32.04 -15.07
C PRO C 73 -4.06 32.19 -15.79
N ASP C 74 -4.17 31.67 -17.02
CA ASP C 74 -5.42 31.76 -17.78
C ASP C 74 -6.59 31.03 -17.13
N PHE C 75 -6.27 30.15 -16.19
CA PHE C 75 -7.24 29.24 -15.61
C PHE C 75 -7.39 29.48 -14.12
N GLN C 76 -6.57 30.36 -13.58
CA GLN C 76 -6.52 30.53 -12.12
C GLN C 76 -7.84 31.06 -11.57
N ARG C 77 -8.07 30.82 -10.27
CA ARG C 77 -9.20 31.37 -9.52
C ARG C 77 -10.55 30.75 -9.95
N ARG C 78 -10.49 29.57 -10.58
CA ARG C 78 -11.69 28.87 -11.04
C ARG C 78 -11.90 27.57 -10.30
N GLY C 79 -11.05 27.28 -9.32
CA GLY C 79 -11.25 26.08 -8.51
C GLY C 79 -10.60 24.85 -9.10
N LEU C 80 -9.76 25.03 -10.11
CA LEU C 80 -9.07 23.91 -10.72
C LEU C 80 -7.94 23.41 -9.83
N GLY C 81 -7.27 24.35 -9.19
CA GLY C 81 -6.31 24.09 -8.10
C GLY C 81 -6.89 23.20 -7.03
N ARG C 82 -7.95 23.66 -6.36
CA ARG C 82 -8.67 22.87 -5.37
C ARG C 82 -9.07 21.48 -5.88
N MET C 83 -9.63 21.42 -7.09
CA MET C 83 -10.11 20.16 -7.63
C MET C 83 -8.93 19.22 -7.88
N LEU C 84 -7.81 19.76 -8.35
CA LEU C 84 -6.65 18.92 -8.58
C LEU C 84 -6.13 18.32 -7.27
N LEU C 85 -6.10 19.12 -6.22
CA LEU C 85 -5.57 18.67 -4.97
C LEU C 85 -6.49 17.66 -4.31
N GLU C 86 -7.80 17.90 -4.37
CA GLU C 86 -8.73 16.93 -3.81
C GLU C 86 -8.65 15.56 -4.49
N HIS C 87 -8.50 15.52 -5.81
CA HIS C 87 -8.29 14.25 -6.51
C HIS C 87 -6.99 13.60 -6.08
N LEU C 88 -5.97 14.42 -5.85
CA LEU C 88 -4.68 13.92 -5.43
C LEU C 88 -4.84 13.30 -4.04
N ILE C 89 -5.45 14.05 -3.12
CA ILE C 89 -5.70 13.57 -1.77
C ILE C 89 -6.43 12.22 -1.79
N ASP C 90 -7.47 12.11 -2.62
CA ASP C 90 -8.24 10.87 -2.72
C ASP C 90 -7.43 9.71 -3.20
N GLU C 91 -6.60 9.98 -4.20
CA GLU C 91 -5.73 8.96 -4.72
C GLU C 91 -4.70 8.56 -3.64
N LEU C 92 -4.23 9.53 -2.86
CA LEU C 92 -3.23 9.25 -1.82
C LEU C 92 -3.78 8.31 -0.74
N GLU C 93 -5.01 8.59 -0.31
CA GLU C 93 -5.73 7.75 0.63
C GLU C 93 -5.80 6.32 0.14
N THR C 94 -6.18 6.10 -1.13
CA THR C 94 -6.25 4.73 -1.64
C THR C 94 -4.89 4.02 -1.56
N ARG C 95 -3.79 4.78 -1.59
CA ARG C 95 -2.44 4.20 -1.55
C ARG C 95 -1.94 4.05 -0.10
N GLY C 96 -2.81 4.41 0.86
CA GLY C 96 -2.52 4.21 2.26
C GLY C 96 -1.72 5.35 2.89
N VAL C 97 -1.71 6.51 2.23
CA VAL C 97 -0.90 7.61 2.71
C VAL C 97 -1.69 8.38 3.77
N VAL C 98 -1.08 8.61 4.94
CA VAL C 98 -1.78 9.23 6.08
C VAL C 98 -1.47 10.73 6.23
N THR C 99 -0.35 11.22 5.71
CA THR C 99 0.01 12.65 5.81
C THR C 99 0.56 13.22 4.50
N LEU C 100 -0.01 14.34 4.05
CA LEU C 100 0.57 15.02 2.89
C LEU C 100 1.30 16.25 3.35
N TRP C 101 2.60 16.30 3.07
CA TRP C 101 3.45 17.41 3.50
C TRP C 101 3.67 18.35 2.34
N LEU C 102 3.93 19.62 2.66
CA LEU C 102 4.40 20.62 1.70
C LEU C 102 5.18 21.72 2.38
N GLU C 103 5.94 22.47 1.59
CA GLU C 103 6.44 23.76 2.05
C GLU C 103 6.05 24.87 1.09
N VAL C 104 5.82 26.04 1.66
CA VAL C 104 5.35 27.19 0.89
C VAL C 104 5.87 28.47 1.53
N ARG C 105 6.22 29.44 0.68
CA ARG C 105 6.62 30.79 1.09
C ARG C 105 5.53 31.45 1.92
N ALA C 106 5.95 32.15 2.96
CA ALA C 106 5.05 32.72 3.95
C ALA C 106 4.18 33.82 3.37
N SER C 107 4.59 34.37 2.23
CA SER C 107 3.86 35.48 1.61
C SER C 107 2.75 35.00 0.67
N ASN C 108 2.92 33.81 0.11
CA ASN C 108 1.93 33.21 -0.80
C ASN C 108 0.54 33.00 -0.15
N ALA C 109 -0.24 34.08 -0.05
CA ALA C 109 -1.55 34.02 0.58
C ALA C 109 -2.53 33.10 -0.18
N ALA C 110 -2.39 33.04 -1.52
CA ALA C 110 -3.24 32.20 -2.37
C ALA C 110 -3.14 30.71 -1.98
N ALA C 111 -1.95 30.15 -2.24
CA ALA C 111 -1.63 28.79 -1.90
C ALA C 111 -2.00 28.51 -0.45
N ILE C 112 -1.59 29.40 0.46
CA ILE C 112 -1.82 29.14 1.88
C ILE C 112 -3.30 28.94 2.17
N ALA C 113 -4.13 29.87 1.72
CA ALA C 113 -5.56 29.75 1.97
C ALA C 113 -6.12 28.52 1.24
N LEU C 114 -5.60 28.19 0.07
CA LEU C 114 -6.04 26.95 -0.57
C LEU C 114 -5.80 25.77 0.39
N TYR C 115 -4.55 25.66 0.83
CA TYR C 115 -4.15 24.58 1.71
C TYR C 115 -5.02 24.53 2.96
N GLU C 116 -5.17 25.69 3.59
CA GLU C 116 -5.89 25.80 4.87
C GLU C 116 -7.32 25.29 4.73
N SER C 117 -7.96 25.60 3.59
CA SER C 117 -9.33 25.12 3.30
C SER C 117 -9.42 23.62 3.13
N LEU C 118 -8.33 22.98 2.68
CA LEU C 118 -8.36 21.53 2.56
C LEU C 118 -8.03 20.84 3.87
N GLY C 119 -7.56 21.60 4.85
CA GLY C 119 -7.29 21.07 6.17
C GLY C 119 -5.82 20.95 6.50
N PHE C 120 -4.98 21.56 5.68
CA PHE C 120 -3.54 21.62 5.99
C PHE C 120 -3.35 22.42 7.26
N ASN C 121 -2.43 21.95 8.10
CA ASN C 121 -2.07 22.68 9.31
C ASN C 121 -0.62 23.08 9.26
N GLU C 122 -0.29 24.23 9.84
CA GLU C 122 1.10 24.61 9.91
C GLU C 122 1.81 23.64 10.84
N ALA C 123 2.91 23.04 10.38
CA ALA C 123 3.72 22.16 11.24
C ALA C 123 4.90 22.91 11.87
N THR C 124 5.60 23.70 11.06
CA THR C 124 6.90 24.21 11.45
C THR C 124 7.34 25.30 10.48
N ILE C 125 8.29 26.13 10.90
CA ILE C 125 8.73 27.25 10.09
C ILE C 125 10.24 27.25 9.96
N ARG C 126 10.72 27.43 8.73
CA ARG C 126 12.13 27.58 8.44
C ARG C 126 12.44 29.06 8.30
N ARG C 127 13.02 29.67 9.32
CA ARG C 127 13.16 31.11 9.31
C ARG C 127 14.13 31.62 8.28
N ASN C 128 13.67 32.57 7.46
CA ASN C 128 14.47 33.20 6.42
C ASN C 128 15.08 32.20 5.44
N TYR C 129 14.37 31.11 5.22
CA TYR C 129 14.83 30.03 4.35
C TYR C 129 14.80 30.37 2.86
N TYR C 130 13.83 31.20 2.46
CA TYR C 130 13.61 31.58 1.07
C TYR C 130 14.22 32.94 0.75
N PRO C 131 15.06 33.01 -0.31
CA PRO C 131 15.55 34.32 -0.78
C PRO C 131 14.42 35.13 -1.41
N THR C 132 14.36 36.43 -1.11
CA THR C 132 13.43 37.32 -1.78
C THR C 132 14.20 38.32 -2.60
N ALA C 133 13.49 39.26 -3.23
CA ALA C 133 14.14 40.38 -3.89
C ALA C 133 14.81 41.29 -2.85
N GLN C 134 14.20 41.41 -1.67
CA GLN C 134 14.74 42.30 -0.64
C GLN C 134 15.44 41.59 0.54
N GLY C 135 15.61 40.27 0.46
CA GLY C 135 16.38 39.55 1.48
C GLY C 135 15.96 38.11 1.59
N HIS C 136 15.28 37.78 2.67
CA HIS C 136 14.79 36.42 2.87
C HIS C 136 13.36 36.37 3.40
N GLU C 137 12.87 35.16 3.63
CA GLU C 137 11.45 34.93 3.87
C GLU C 137 11.30 33.52 4.46
N ASP C 138 10.31 33.35 5.33
CA ASP C 138 10.09 32.07 5.98
C ASP C 138 9.53 31.07 5.01
N ALA C 139 9.88 29.80 5.23
CA ALA C 139 9.20 28.70 4.61
C ALA C 139 8.22 28.14 5.63
N ILE C 140 6.96 28.00 5.26
CA ILE C 140 5.97 27.35 6.11
C ILE C 140 5.80 25.88 5.70
N ILE C 141 6.10 24.97 6.61
CA ILE C 141 5.89 23.55 6.39
C ILE C 141 4.50 23.16 6.88
N MET C 142 3.68 22.61 5.99
CA MET C 142 2.32 22.26 6.36
C MET C 142 2.06 20.77 6.19
N ALA C 143 1.09 20.27 6.94
CA ALA C 143 0.79 18.84 6.90
C ALA C 143 -0.70 18.67 6.85
N LEU C 144 -1.16 17.79 5.98
CA LEU C 144 -2.57 17.44 5.94
C LEU C 144 -2.72 15.99 6.41
N PRO C 145 -3.44 15.77 7.52
CA PRO C 145 -3.73 14.38 7.94
C PRO C 145 -4.78 13.81 7.00
N ILE C 146 -4.60 12.60 6.51
CA ILE C 146 -5.59 12.02 5.60
C ILE C 146 -6.13 10.80 6.28
N SER C 147 -7.38 10.83 6.71
CA SER C 147 -7.77 9.64 7.45
C SER C 147 -8.21 8.46 6.57
N MET C 148 -8.11 7.27 7.15
CA MET C 148 -8.26 6.08 6.35
C MET C 148 -9.73 5.83 6.04
N LYS C 149 -10.01 5.27 4.88
CA LYS C 149 -11.39 4.90 4.53
C LYS C 149 -11.53 3.40 4.24
N LEU C 150 -12.75 2.90 4.15
CA LEU C 150 -13.01 1.55 3.67
C LEU C 150 -12.96 1.53 2.14
N HIS C 151 -12.68 0.36 1.57
CA HIS C 151 -12.55 0.22 0.09
C HIS C 151 -13.32 -0.94 -0.53
#